data_5YTI
#
_entry.id   5YTI
#
_cell.length_a   107.687
_cell.length_b   107.687
_cell.length_c   90.248
_cell.angle_alpha   90.000
_cell.angle_beta   90.000
_cell.angle_gamma   90.000
#
_symmetry.space_group_name_H-M   'P 42 21 2'
#
loop_
_entity.id
_entity.type
_entity.pdbx_description
1 polymer 'Flagellar hook associated protein type 3 FlgL'
2 non-polymer 'CADMIUM ION'
3 water water
#
_entity_poly.entity_id   1
_entity_poly.type   'polypeptide(L)'
_entity_poly.pdbx_seq_one_letter_code
;(MSE)RISTNQIYQRGLDNLLTQQERLARLQDQQASGIRVRTPSDDPVASAQIELIKQRINNIELFQNNRQAADSALRLE
EGILSNAVNSLHRLREIQIQAGNPSLSEEDRKTLAVEAQALLNQLLDYANTKDSNGSY(MSE)FSGSKSLTQPVSLNLSG
QYVYNGDSTQRFQAVTTSLLVAVNDTGDNVF(MSE)RIPSGNGRFAIRETLTPNTGTASVSSGSVTNEAAFVPDNYT
(MSE)TFALNSQGNLVV(MSE)VSGTLSGNVIPPSGLPDDAPLYQEGSAIGFNG(MSE)E(MSE)VVSGLPKAGDSFSIS
PAKNESIFSTVQR(MSE)INNLNKPYTSSVEKAATQTENNQLLAQIDSALGHILSVQSDLGARLNQLETAEKANNDYLDI
SAATLKKLREIDPVAVATELNLQLVNLQAAQLSFTRIQGLSLFNFL
;
_entity_poly.pdbx_strand_id   A
#
loop_
_chem_comp.id
_chem_comp.type
_chem_comp.name
_chem_comp.formula
CD non-polymer 'CADMIUM ION' 'Cd 2'
#
# COMPACT_ATOMS: atom_id res chain seq x y z
N GLN A 48 26.56 -42.09 -19.98
CA GLN A 48 27.63 -41.06 -19.91
C GLN A 48 27.46 -40.02 -21.01
N ILE A 49 27.72 -40.38 -22.26
CA ILE A 49 27.58 -39.41 -23.35
C ILE A 49 26.12 -39.04 -23.61
N GLU A 50 25.20 -40.00 -23.55
CA GLU A 50 23.77 -39.68 -23.68
C GLU A 50 23.32 -38.85 -22.47
N LEU A 51 24.01 -39.03 -21.34
CA LEU A 51 23.75 -38.24 -20.12
C LEU A 51 24.18 -36.78 -20.27
N ILE A 52 25.38 -36.56 -20.78
CA ILE A 52 25.86 -35.22 -21.08
C ILE A 52 25.00 -34.56 -22.18
N LYS A 53 24.83 -35.23 -23.30
CA LYS A 53 23.81 -34.80 -24.28
C LYS A 53 22.55 -34.23 -23.54
N GLN A 54 21.96 -34.99 -22.60
CA GLN A 54 20.69 -34.56 -21.93
C GLN A 54 20.96 -33.45 -20.89
N ARG A 55 22.21 -33.28 -20.47
CA ARG A 55 22.61 -32.21 -19.52
C ARG A 55 22.66 -30.91 -20.29
N ILE A 56 23.36 -30.95 -21.41
CA ILE A 56 23.37 -29.82 -22.32
C ILE A 56 21.93 -29.49 -22.75
N ASN A 57 21.06 -30.46 -22.95
CA ASN A 57 19.66 -30.15 -23.30
C ASN A 57 18.99 -29.42 -22.12
N ASN A 58 19.29 -29.87 -20.90
CA ASN A 58 18.81 -29.16 -19.69
C ASN A 58 19.34 -27.70 -19.65
N ILE A 59 20.63 -27.52 -19.89
CA ILE A 59 21.27 -26.20 -19.86
C ILE A 59 20.67 -25.19 -20.85
N GLU A 60 20.30 -25.65 -22.04
CA GLU A 60 19.70 -24.74 -23.02
C GLU A 60 18.38 -24.20 -22.51
N LEU A 61 17.67 -25.05 -21.77
CA LEU A 61 16.37 -24.72 -21.20
C LEU A 61 16.53 -23.75 -20.01
N PHE A 62 17.55 -24.03 -19.19
CA PHE A 62 17.89 -23.19 -18.04
C PHE A 62 18.31 -21.77 -18.53
N GLN A 63 19.17 -21.69 -19.54
CA GLN A 63 19.54 -20.40 -20.20
C GLN A 63 18.33 -19.69 -20.89
N ASN A 64 17.49 -20.46 -21.58
CA ASN A 64 16.27 -19.94 -22.20
C ASN A 64 15.34 -19.40 -21.11
N ASN A 65 15.05 -20.22 -20.10
CA ASN A 65 14.24 -19.77 -18.98
C ASN A 65 14.75 -18.46 -18.30
N ARG A 66 16.09 -18.35 -18.16
CA ARG A 66 16.74 -17.16 -17.56
CA ARG A 66 16.72 -17.16 -17.56
C ARG A 66 16.54 -15.94 -18.46
N GLN A 67 16.98 -16.06 -19.71
CA GLN A 67 16.81 -14.98 -20.72
C GLN A 67 15.39 -14.44 -20.69
N ALA A 68 14.40 -15.33 -20.59
CA ALA A 68 12.99 -14.93 -20.63
C ALA A 68 12.53 -14.33 -19.31
N ALA A 69 13.11 -14.81 -18.23
CA ALA A 69 12.82 -14.28 -16.90
C ALA A 69 13.38 -12.87 -16.75
N ASP A 70 14.66 -12.74 -17.05
CA ASP A 70 15.34 -11.48 -17.06
C ASP A 70 14.51 -10.46 -17.80
N SER A 71 13.83 -10.86 -18.87
CA SER A 71 13.10 -9.88 -19.68
C SER A 71 11.73 -9.50 -19.17
N ALA A 72 10.97 -10.50 -18.72
CA ALA A 72 9.65 -10.27 -18.13
C ALA A 72 9.76 -9.39 -16.90
N LEU A 73 10.84 -9.57 -16.14
CA LEU A 73 11.05 -8.82 -14.92
C LEU A 73 11.45 -7.37 -15.15
N ARG A 74 12.31 -7.13 -16.13
CA ARG A 74 12.66 -5.75 -16.48
C ARG A 74 11.47 -4.96 -17.09
N LEU A 75 10.64 -5.64 -17.89
CA LEU A 75 9.39 -5.05 -18.38
C LEU A 75 8.51 -4.64 -17.19
N GLU A 76 8.42 -5.54 -16.21
CA GLU A 76 7.70 -5.32 -14.95
C GLU A 76 8.36 -4.23 -14.06
N GLU A 77 9.68 -4.11 -14.04
CA GLU A 77 10.30 -3.05 -13.27
C GLU A 77 9.77 -1.72 -13.79
N GLY A 78 9.60 -1.61 -15.11
CA GLY A 78 9.24 -0.34 -15.76
C GLY A 78 7.80 0.09 -15.58
N ILE A 79 6.90 -0.90 -15.46
CA ILE A 79 5.51 -0.65 -15.12
C ILE A 79 5.38 -0.23 -13.66
N LEU A 80 5.99 -0.99 -12.75
CA LEU A 80 6.07 -0.56 -11.37
C LEU A 80 6.70 0.82 -11.26
N SER A 81 7.80 1.04 -11.98
CA SER A 81 8.49 2.36 -12.02
C SER A 81 7.56 3.54 -12.44
N ASN A 82 6.78 3.30 -13.52
CA ASN A 82 5.69 4.21 -13.98
C ASN A 82 4.68 4.48 -12.86
N ALA A 83 4.32 3.42 -12.16
CA ALA A 83 3.30 3.49 -11.16
C ALA A 83 3.78 4.27 -9.96
N VAL A 84 5.09 4.30 -9.73
CA VAL A 84 5.61 5.15 -8.66
C VAL A 84 5.45 6.62 -9.08
N ASN A 85 5.90 6.91 -10.30
CA ASN A 85 5.65 8.23 -10.89
C ASN A 85 4.25 8.77 -10.64
N SER A 86 3.25 7.94 -10.90
CA SER A 86 1.88 8.33 -10.68
C SER A 86 1.62 8.64 -9.19
N LEU A 87 2.20 7.86 -8.28
CA LEU A 87 1.94 8.05 -6.89
C LEU A 87 2.68 9.21 -6.37
N HIS A 88 3.82 9.53 -6.97
CA HIS A 88 4.64 10.65 -6.48
C HIS A 88 3.90 11.97 -6.64
N ARG A 89 3.10 12.00 -7.71
CA ARG A 89 2.32 13.14 -8.10
C ARG A 89 1.07 13.12 -7.25
N LEU A 90 0.41 11.97 -7.12
CA LEU A 90 -0.71 11.88 -6.20
C LEU A 90 -0.32 12.40 -4.81
N ARG A 91 0.96 12.29 -4.47
CA ARG A 91 1.38 12.73 -3.15
C ARG A 91 1.54 14.25 -3.13
N GLU A 92 2.07 14.81 -4.21
CA GLU A 92 2.14 16.26 -4.39
C GLU A 92 0.72 16.79 -4.25
N ILE A 93 -0.18 16.29 -5.08
CA ILE A 93 -1.62 16.60 -5.00
C ILE A 93 -2.19 16.50 -3.57
N GLN A 94 -2.02 15.36 -2.88
CA GLN A 94 -2.61 15.23 -1.55
C GLN A 94 -2.13 16.30 -0.61
N ILE A 95 -0.89 16.76 -0.79
CA ILE A 95 -0.35 17.74 0.14
C ILE A 95 -1.02 19.10 0.00
N GLN A 96 -1.27 19.54 -1.23
CA GLN A 96 -2.02 20.78 -1.49
C GLN A 96 -3.44 20.69 -0.95
N ALA A 97 -4.04 19.50 -1.06
CA ALA A 97 -5.41 19.28 -0.58
C ALA A 97 -5.52 19.60 0.90
N GLY A 98 -4.37 19.63 1.57
CA GLY A 98 -4.31 20.05 2.95
C GLY A 98 -3.80 21.44 3.11
N ASN A 99 -3.61 22.16 2.00
CA ASN A 99 -3.21 23.56 2.08
C ASN A 99 -4.46 24.44 2.03
N PRO A 100 -4.61 25.31 3.02
CA PRO A 100 -5.86 26.04 3.14
C PRO A 100 -5.84 27.32 2.29
N SER A 101 -4.75 27.58 1.57
CA SER A 101 -4.74 28.63 0.58
C SER A 101 -5.77 28.37 -0.52
N LEU A 102 -5.77 27.14 -1.07
CA LEU A 102 -6.42 26.86 -2.37
C LEU A 102 -7.90 27.16 -2.49
N SER A 103 -8.33 27.72 -3.61
CA SER A 103 -9.76 27.95 -3.84
C SER A 103 -10.47 26.62 -4.07
N GLU A 104 -11.76 26.56 -3.78
CA GLU A 104 -12.60 25.44 -4.17
C GLU A 104 -12.37 25.06 -5.64
N GLU A 105 -12.16 26.06 -6.50
CA GLU A 105 -11.95 25.83 -7.94
C GLU A 105 -10.64 25.11 -8.20
N ASP A 106 -9.60 25.51 -7.48
CA ASP A 106 -8.30 24.87 -7.63
C ASP A 106 -8.45 23.37 -7.30
N ARG A 107 -9.17 23.08 -6.22
CA ARG A 107 -9.26 21.74 -5.67
C ARG A 107 -10.11 20.88 -6.55
N LYS A 108 -11.21 21.41 -7.06
CA LYS A 108 -12.10 20.60 -7.88
C LYS A 108 -11.38 20.29 -9.17
N THR A 109 -10.32 21.03 -9.46
CA THR A 109 -9.52 20.77 -10.66
C THR A 109 -8.48 19.62 -10.43
N LEU A 110 -7.90 19.59 -9.22
CA LEU A 110 -7.02 18.51 -8.78
C LEU A 110 -7.80 17.21 -8.72
N ALA A 111 -9.02 17.29 -8.23
CA ALA A 111 -9.99 16.18 -8.33
C ALA A 111 -10.03 15.51 -9.69
N VAL A 112 -9.82 16.29 -10.73
CA VAL A 112 -9.97 15.74 -12.06
C VAL A 112 -8.63 15.19 -12.49
N GLU A 113 -7.55 15.84 -12.06
CA GLU A 113 -6.25 15.23 -12.28
C GLU A 113 -6.15 13.90 -11.54
N ALA A 114 -6.51 13.87 -10.26
CA ALA A 114 -6.50 12.63 -9.52
C ALA A 114 -7.30 11.57 -10.26
N GLN A 115 -8.43 11.95 -10.86
CA GLN A 115 -9.19 10.96 -11.64
C GLN A 115 -8.39 10.46 -12.83
N ALA A 116 -7.61 11.31 -13.48
CA ALA A 116 -6.74 10.81 -14.56
C ALA A 116 -5.69 9.83 -14.01
N LEU A 117 -5.12 10.14 -12.83
CA LEU A 117 -4.09 9.29 -12.24
C LEU A 117 -4.67 7.94 -11.81
N LEU A 118 -5.82 7.95 -11.14
CA LEU A 118 -6.50 6.68 -10.86
C LEU A 118 -6.57 5.82 -12.14
N ASN A 119 -7.14 6.37 -13.21
CA ASN A 119 -7.28 5.66 -14.49
C ASN A 119 -5.91 5.14 -14.98
N GLN A 120 -4.88 5.98 -14.83
CA GLN A 120 -3.50 5.59 -15.17
C GLN A 120 -3.11 4.31 -14.44
N LEU A 121 -3.36 4.27 -13.12
CA LEU A 121 -2.96 3.15 -12.29
C LEU A 121 -3.74 1.89 -12.59
N LEU A 122 -5.00 2.05 -12.99
CA LEU A 122 -5.77 0.88 -13.47
C LEU A 122 -5.20 0.29 -14.79
N ASP A 123 -4.61 1.14 -15.63
CA ASP A 123 -4.07 0.70 -16.91
C ASP A 123 -2.82 -0.11 -16.54
N TYR A 124 -2.00 0.41 -15.62
CA TYR A 124 -0.78 -0.28 -15.20
C TYR A 124 -1.10 -1.61 -14.54
N ALA A 125 -2.11 -1.63 -13.70
CA ALA A 125 -2.48 -2.88 -13.05
C ALA A 125 -2.98 -3.88 -14.07
N ASN A 126 -3.56 -3.38 -15.17
CA ASN A 126 -4.16 -4.27 -16.16
C ASN A 126 -3.29 -4.41 -17.41
N THR A 127 -2.00 -4.13 -17.26
CA THR A 127 -1.08 -4.26 -18.37
C THR A 127 -0.93 -5.71 -18.84
N LYS A 128 -0.83 -5.85 -20.17
CA LYS A 128 -0.47 -7.11 -20.80
C LYS A 128 1.04 -7.15 -21.06
N ASP A 129 1.66 -8.31 -20.82
CA ASP A 129 3.07 -8.51 -21.16
C ASP A 129 3.16 -9.10 -22.58
N SER A 130 4.36 -9.57 -22.91
CA SER A 130 4.76 -9.95 -24.28
C SER A 130 3.78 -10.83 -25.06
N ASN A 131 3.00 -11.65 -24.36
CA ASN A 131 2.06 -12.61 -24.99
C ASN A 131 0.66 -12.04 -25.38
N GLY A 132 0.22 -11.01 -24.68
CA GLY A 132 -1.19 -10.61 -24.71
C GLY A 132 -1.88 -11.27 -23.54
N SER A 133 -1.12 -11.69 -22.54
CA SER A 133 -1.66 -12.17 -21.25
C SER A 133 -1.32 -11.17 -20.12
N TYR A 134 -2.12 -11.08 -19.06
CA TYR A 134 -1.94 -9.99 -18.09
C TYR A 134 -0.78 -10.21 -17.15
N MSE A 135 0.02 -9.18 -16.85
CA MSE A 135 1.21 -9.40 -15.99
C MSE A 135 0.87 -9.58 -14.54
O MSE A 135 1.61 -10.26 -13.83
CB MSE A 135 2.36 -8.41 -16.16
CG MSE A 135 2.10 -6.93 -15.96
SE MSE A 135 3.83 -5.94 -15.81
CE MSE A 135 4.64 -6.07 -17.62
N PHE A 136 -0.22 -9.01 -14.06
CA PHE A 136 -0.48 -9.01 -12.64
C PHE A 136 -1.68 -9.85 -12.23
N SER A 137 -2.00 -10.84 -13.04
CA SER A 137 -3.18 -11.63 -12.77
C SER A 137 -2.87 -12.97 -12.11
N GLY A 138 -1.60 -13.35 -12.05
CA GLY A 138 -1.22 -14.64 -11.47
C GLY A 138 -1.38 -15.74 -12.47
N SER A 139 -1.69 -16.95 -12.04
CA SER A 139 -1.81 -18.05 -13.00
C SER A 139 -2.94 -17.83 -14.01
N LYS A 140 -3.92 -16.97 -13.69
CA LYS A 140 -5.07 -16.73 -14.57
C LYS A 140 -4.75 -15.79 -15.72
N SER A 141 -3.91 -16.25 -16.63
CA SER A 141 -3.26 -15.41 -17.65
C SER A 141 -4.15 -14.50 -18.56
N LEU A 142 -5.43 -14.86 -18.76
CA LEU A 142 -6.28 -14.13 -19.71
C LEU A 142 -7.47 -13.45 -19.02
N THR A 143 -7.50 -13.49 -17.67
CA THR A 143 -8.48 -12.71 -16.88
C THR A 143 -7.92 -11.31 -16.51
N GLN A 144 -8.66 -10.25 -16.80
CA GLN A 144 -8.23 -8.89 -16.51
C GLN A 144 -8.14 -8.79 -14.99
N PRO A 145 -7.01 -8.33 -14.47
CA PRO A 145 -6.86 -8.47 -13.02
C PRO A 145 -7.73 -7.55 -12.18
N VAL A 146 -7.83 -6.27 -12.55
CA VAL A 146 -8.56 -5.29 -11.75
C VAL A 146 -9.70 -4.64 -12.53
N SER A 147 -10.90 -4.76 -11.96
CA SER A 147 -12.12 -4.14 -12.51
C SER A 147 -12.98 -3.58 -11.37
N LEU A 148 -14.09 -2.92 -11.72
CA LEU A 148 -14.97 -2.27 -10.74
C LEU A 148 -16.41 -2.83 -10.77
N ASN A 149 -16.79 -3.63 -9.79
CA ASN A 149 -18.16 -4.17 -9.80
C ASN A 149 -19.19 -3.00 -9.73
N LEU A 150 -20.48 -3.33 -9.82
CA LEU A 150 -21.52 -2.31 -9.70
C LEU A 150 -21.76 -1.99 -8.24
N SER A 151 -21.37 -2.90 -7.34
CA SER A 151 -21.25 -2.59 -5.90
C SER A 151 -20.53 -1.22 -5.78
N GLY A 152 -19.58 -0.95 -6.66
CA GLY A 152 -18.89 0.37 -6.68
C GLY A 152 -17.43 0.31 -6.26
N GLN A 153 -17.08 -0.76 -5.53
CA GLN A 153 -15.70 -1.00 -5.12
C GLN A 153 -14.87 -1.71 -6.24
N TYR A 154 -13.56 -1.46 -6.28
CA TYR A 154 -12.62 -2.19 -7.17
C TYR A 154 -12.22 -3.54 -6.61
N VAL A 155 -12.34 -4.59 -7.41
CA VAL A 155 -11.97 -5.97 -6.97
C VAL A 155 -10.86 -6.54 -7.84
N TYR A 156 -10.29 -7.65 -7.37
CA TYR A 156 -9.21 -8.35 -8.06
C TYR A 156 -9.67 -9.75 -8.50
N ASN A 157 -9.55 -9.99 -9.80
CA ASN A 157 -10.13 -11.18 -10.42
C ASN A 157 -9.03 -12.19 -10.78
N GLY A 158 -7.81 -11.89 -10.39
CA GLY A 158 -6.73 -12.85 -10.56
C GLY A 158 -6.68 -13.80 -9.38
N ASP A 159 -5.50 -14.43 -9.22
CA ASP A 159 -5.13 -15.25 -8.02
C ASP A 159 -3.76 -14.82 -7.49
N SER A 160 -3.34 -15.46 -6.41
CA SER A 160 -2.01 -15.18 -5.85
C SER A 160 -0.89 -16.12 -6.30
N THR A 161 -0.89 -16.65 -7.53
CA THR A 161 0.04 -17.73 -7.89
C THR A 161 1.20 -17.33 -8.81
N GLN A 162 2.41 -17.49 -8.29
CA GLN A 162 3.64 -17.13 -9.02
C GLN A 162 4.20 -18.32 -9.81
N ARG A 163 4.60 -18.04 -11.05
CA ARG A 163 5.35 -18.99 -11.83
C ARG A 163 6.81 -18.92 -11.44
N PHE A 164 7.31 -20.01 -10.86
CA PHE A 164 8.71 -20.20 -10.56
C PHE A 164 9.38 -20.92 -11.76
N GLN A 165 10.62 -20.59 -12.07
CA GLN A 165 11.26 -21.14 -13.25
C GLN A 165 12.68 -21.58 -12.97
N ALA A 166 12.98 -22.82 -13.39
CA ALA A 166 14.32 -23.38 -13.29
C ALA A 166 15.24 -22.56 -14.20
N VAL A 167 16.28 -21.95 -13.61
CA VAL A 167 17.30 -21.19 -14.33
C VAL A 167 18.74 -21.65 -14.02
N THR A 168 18.86 -22.62 -13.11
CA THR A 168 20.05 -23.49 -12.93
C THR A 168 19.50 -24.83 -12.40
N THR A 169 20.37 -25.76 -11.98
CA THR A 169 19.89 -27.13 -11.61
C THR A 169 19.09 -27.19 -10.31
N SER A 170 19.25 -26.16 -9.49
CA SER A 170 18.67 -26.15 -8.16
C SER A 170 18.22 -24.76 -7.75
N LEU A 171 17.99 -23.88 -8.74
CA LEU A 171 17.46 -22.56 -8.42
C LEU A 171 16.19 -22.25 -9.21
N LEU A 172 15.10 -22.03 -8.48
CA LEU A 172 13.87 -21.55 -9.07
C LEU A 172 13.80 -20.04 -8.76
N VAL A 173 13.27 -19.26 -9.70
CA VAL A 173 13.10 -17.80 -9.55
C VAL A 173 11.69 -17.37 -10.01
N ALA A 174 11.04 -16.47 -9.27
CA ALA A 174 9.67 -16.06 -9.64
C ALA A 174 9.70 -15.03 -10.76
N VAL A 175 8.89 -15.23 -11.81
CA VAL A 175 8.98 -14.34 -12.95
C VAL A 175 7.82 -13.38 -13.04
N ASN A 176 7.03 -13.29 -11.98
CA ASN A 176 5.92 -12.35 -11.95
C ASN A 176 5.57 -12.02 -10.53
N ASP A 177 4.75 -10.99 -10.39
CA ASP A 177 4.07 -10.70 -9.13
C ASP A 177 2.58 -10.65 -9.38
N THR A 178 1.77 -10.59 -8.33
CA THR A 178 0.32 -10.62 -8.51
C THR A 178 -0.38 -9.44 -7.87
N GLY A 179 -1.49 -9.04 -8.49
CA GLY A 179 -2.16 -7.78 -8.21
C GLY A 179 -2.63 -7.65 -6.78
N ASP A 180 -2.98 -8.79 -6.18
CA ASP A 180 -3.40 -8.79 -4.79
C ASP A 180 -2.24 -8.34 -3.91
N ASN A 181 -1.04 -8.78 -4.24
CA ASN A 181 0.12 -8.28 -3.51
C ASN A 181 0.50 -6.86 -3.91
N VAL A 182 0.54 -6.54 -5.20
CA VAL A 182 1.08 -5.25 -5.62
C VAL A 182 0.13 -4.07 -5.37
N PHE A 183 -1.14 -4.25 -5.68
CA PHE A 183 -2.10 -3.15 -5.68
C PHE A 183 -3.20 -3.17 -4.63
N MSE A 184 -3.60 -4.33 -4.13
CA MSE A 184 -4.83 -4.39 -3.32
C MSE A 184 -4.68 -4.39 -1.82
O MSE A 184 -5.45 -3.74 -1.10
CB MSE A 184 -5.71 -5.59 -3.69
CG MSE A 184 -5.80 -5.80 -5.19
SE MSE A 184 -7.05 -4.57 -6.10
CE MSE A 184 -8.54 -4.82 -4.85
N ARG A 185 -3.73 -5.13 -1.29
CA ARG A 185 -3.66 -5.27 0.16
C ARG A 185 -2.57 -4.39 0.72
N ILE A 186 -2.97 -3.23 1.23
CA ILE A 186 -2.06 -2.21 1.73
C ILE A 186 -2.81 -1.64 2.88
N PRO A 187 -2.18 -1.56 4.04
CA PRO A 187 -3.03 -1.21 5.14
C PRO A 187 -3.35 0.27 5.13
N SER A 188 -4.56 0.55 5.59
CA SER A 188 -5.08 1.90 5.70
C SER A 188 -4.55 2.59 6.93
N GLY A 189 -4.82 3.88 7.02
CA GLY A 189 -4.34 4.69 8.13
C GLY A 189 -2.84 4.80 8.04
N ASN A 190 -2.23 4.87 9.21
CA ASN A 190 -0.80 5.00 9.32
C ASN A 190 -0.14 3.67 9.19
N GLY A 191 -0.94 2.64 8.93
CA GLY A 191 -0.44 1.31 8.72
C GLY A 191 -0.87 0.37 9.80
N ARG A 192 -1.20 0.92 10.96
CA ARG A 192 -1.62 0.13 12.10
C ARG A 192 -3.01 0.54 12.59
N PHE A 193 -3.26 1.85 12.64
CA PHE A 193 -4.64 2.36 12.92
C PHE A 193 -5.11 3.55 12.06
N ALA A 194 -6.44 3.56 11.83
CA ALA A 194 -7.06 4.54 10.98
C ALA A 194 -8.06 5.38 11.75
N ILE A 195 -8.30 6.60 11.28
CA ILE A 195 -9.15 7.58 11.96
C ILE A 195 -10.11 8.30 11.02
N ARG A 196 -11.40 8.10 11.26
CA ARG A 196 -12.47 8.62 10.44
C ARG A 196 -13.35 9.45 11.39
N GLU A 197 -14.30 10.23 10.88
CA GLU A 197 -15.37 10.77 11.76
C GLU A 197 -16.37 9.66 12.09
N THR A 198 -17.23 9.86 13.10
CA THR A 198 -18.36 8.94 13.34
C THR A 198 -19.50 9.34 12.43
N LEU A 199 -20.63 8.64 12.49
CA LEU A 199 -21.86 9.09 11.80
C LEU A 199 -22.31 10.50 12.25
N THR A 200 -22.03 10.88 13.52
CA THR A 200 -22.20 12.25 14.06
C THR A 200 -21.24 13.28 13.45
N PRO A 201 -21.76 14.12 12.52
CA PRO A 201 -20.81 15.10 12.01
C PRO A 201 -20.34 15.91 13.17
N ASN A 202 -19.16 16.47 13.03
CA ASN A 202 -18.64 17.31 14.07
C ASN A 202 -19.10 18.75 13.84
N THR A 203 -19.29 19.46 14.94
CA THR A 203 -19.76 20.83 14.93
C THR A 203 -18.59 21.81 15.05
N GLY A 204 -17.47 21.32 15.66
CA GLY A 204 -16.26 22.12 15.92
C GLY A 204 -15.18 22.06 14.85
N THR A 205 -13.94 22.49 15.18
CA THR A 205 -12.86 22.56 14.16
C THR A 205 -11.70 21.60 14.41
N ALA A 206 -12.01 20.52 15.10
CA ALA A 206 -11.00 19.55 15.49
C ALA A 206 -10.49 18.72 14.31
N SER A 207 -9.19 18.48 14.29
CA SER A 207 -8.56 17.58 13.30
C SER A 207 -7.58 16.65 14.01
N VAL A 208 -7.24 15.52 13.40
CA VAL A 208 -6.36 14.55 14.07
C VAL A 208 -5.21 14.04 13.18
N SER A 209 -4.01 13.96 13.75
CA SER A 209 -2.85 13.49 13.00
C SER A 209 -3.05 12.01 12.66
N SER A 210 -2.18 11.43 11.84
CA SER A 210 -2.25 9.99 11.55
C SER A 210 -1.73 9.20 12.75
N GLY A 211 -0.88 9.87 13.56
CA GLY A 211 -0.32 9.27 14.77
C GLY A 211 0.45 7.99 14.51
N SER A 212 0.92 7.32 15.56
CA SER A 212 1.63 6.05 15.39
C SER A 212 1.62 5.19 16.66
N VAL A 213 1.97 3.91 16.51
CA VAL A 213 2.26 3.04 17.64
C VAL A 213 3.69 3.33 18.13
N THR A 214 3.78 3.76 19.39
CA THR A 214 5.05 4.13 20.02
C THR A 214 5.48 3.08 21.02
N ASN A 215 4.55 2.28 21.55
CA ASN A 215 4.94 1.21 22.41
C ASN A 215 4.26 -0.13 22.04
N GLU A 216 4.95 -0.93 21.25
CA GLU A 216 4.43 -2.18 20.72
C GLU A 216 3.91 -3.14 21.79
N ALA A 217 4.54 -3.16 22.96
CA ALA A 217 4.07 -4.04 24.05
C ALA A 217 2.79 -3.53 24.66
N ALA A 218 2.63 -2.21 24.78
CA ALA A 218 1.41 -1.67 25.36
C ALA A 218 0.20 -1.69 24.39
N PHE A 219 0.43 -2.08 23.12
CA PHE A 219 -0.52 -1.93 22.04
C PHE A 219 -1.69 -2.87 22.19
N VAL A 220 -2.89 -2.36 21.94
CA VAL A 220 -4.10 -3.19 21.96
C VAL A 220 -5.00 -2.90 20.75
N PRO A 221 -5.15 -3.90 19.89
CA PRO A 221 -6.06 -3.58 18.79
C PRO A 221 -7.53 -3.53 19.33
N ASP A 222 -8.26 -2.49 18.93
CA ASP A 222 -9.65 -2.32 19.32
C ASP A 222 -10.33 -1.28 18.43
N ASN A 223 -11.65 -1.23 18.52
CA ASN A 223 -12.44 -0.16 17.93
C ASN A 223 -12.72 0.91 19.01
N TYR A 224 -12.10 2.06 18.79
CA TYR A 224 -12.05 3.10 19.80
C TYR A 224 -12.92 4.24 19.38
N THR A 225 -13.47 4.93 20.35
CA THR A 225 -14.23 6.10 20.10
C THR A 225 -13.71 7.20 21.00
N MSE A 226 -13.39 8.33 20.38
CA MSE A 226 -12.87 9.50 21.07
C MSE A 226 -13.97 10.52 21.06
O MSE A 226 -14.50 10.90 20.01
CB MSE A 226 -11.64 10.04 20.33
CG MSE A 226 -10.96 11.20 21.09
SE MSE A 226 -9.50 12.01 20.05
CE MSE A 226 -8.19 11.09 21.18
N THR A 227 -14.33 10.98 22.24
CA THR A 227 -15.50 11.79 22.43
C THR A 227 -15.02 13.01 23.24
N PHE A 228 -15.25 14.21 22.71
CA PHE A 228 -14.96 15.45 23.45
C PHE A 228 -16.19 15.92 24.24
N ALA A 229 -16.03 16.15 25.54
CA ALA A 229 -17.15 16.68 26.30
C ALA A 229 -16.71 17.45 27.57
N LEU A 230 -17.66 17.72 28.46
CA LEU A 230 -17.51 18.74 29.54
C LEU A 230 -17.25 18.26 30.96
N ASN A 231 -16.31 18.97 31.58
CA ASN A 231 -16.12 18.98 33.03
C ASN A 231 -17.38 19.48 33.72
N SER A 232 -17.54 19.08 34.98
CA SER A 232 -18.55 19.70 35.82
C SER A 232 -18.21 21.20 36.04
N GLN A 233 -16.90 21.52 36.02
CA GLN A 233 -16.38 22.91 35.93
C GLN A 233 -16.73 23.67 34.62
N GLY A 234 -16.56 23.04 33.47
CA GLY A 234 -16.95 23.65 32.20
C GLY A 234 -15.89 23.49 31.15
N ASN A 235 -14.67 23.20 31.59
CA ASN A 235 -13.57 22.81 30.69
C ASN A 235 -13.84 21.62 29.71
N LEU A 236 -13.45 21.81 28.44
CA LEU A 236 -13.50 20.74 27.45
C LEU A 236 -12.54 19.63 27.83
N VAL A 237 -12.92 18.39 27.53
CA VAL A 237 -12.19 17.24 28.05
C VAL A 237 -12.23 16.11 27.03
N VAL A 238 -11.28 15.18 27.10
CA VAL A 238 -11.10 14.17 26.06
C VAL A 238 -11.28 12.77 26.62
N MSE A 239 -12.18 12.02 25.99
CA MSE A 239 -12.47 10.68 26.49
C MSE A 239 -12.28 9.68 25.41
O MSE A 239 -12.49 9.95 24.24
CB MSE A 239 -13.88 10.65 27.04
CG MSE A 239 -13.79 11.38 28.37
SE MSE A 239 -15.53 11.50 29.25
CE MSE A 239 -16.43 12.70 27.96
N VAL A 240 -11.84 8.50 25.81
CA VAL A 240 -11.67 7.39 24.89
C VAL A 240 -12.12 6.10 25.53
N SER A 241 -12.88 5.35 24.77
CA SER A 241 -13.29 4.04 25.22
C SER A 241 -13.35 3.19 23.97
N GLY A 242 -13.72 1.93 24.12
CA GLY A 242 -13.60 1.00 23.01
C GLY A 242 -14.38 -0.26 23.29
N THR A 243 -14.77 -0.93 22.22
CA THR A 243 -15.66 -2.02 22.32
C THR A 243 -15.15 -3.01 23.33
N LEU A 244 -13.91 -3.48 23.17
CA LEU A 244 -13.37 -4.56 24.02
C LEU A 244 -12.80 -4.03 25.31
N SER A 245 -12.40 -2.77 25.33
CA SER A 245 -11.57 -2.24 26.42
C SER A 245 -12.40 -1.51 27.43
N GLY A 246 -13.67 -1.32 27.13
CA GLY A 246 -14.48 -0.44 27.95
C GLY A 246 -13.74 0.87 27.93
N ASN A 247 -13.78 1.61 29.03
CA ASN A 247 -13.13 2.93 29.11
C ASN A 247 -11.64 2.81 29.33
N VAL A 248 -10.88 3.59 28.57
CA VAL A 248 -9.44 3.62 28.76
C VAL A 248 -9.00 4.99 29.26
N ILE A 249 -9.51 6.08 28.67
CA ILE A 249 -9.26 7.43 29.18
C ILE A 249 -10.56 8.07 29.48
N PRO A 250 -10.94 8.15 30.75
CA PRO A 250 -10.20 7.57 31.87
C PRO A 250 -10.81 6.23 32.20
N PRO A 251 -10.15 5.41 33.04
CA PRO A 251 -10.74 4.08 33.35
C PRO A 251 -12.14 4.16 33.96
N SER A 252 -12.40 5.22 34.71
CA SER A 252 -13.69 5.37 35.37
C SER A 252 -14.78 5.82 34.40
N GLY A 253 -14.40 6.44 33.29
CA GLY A 253 -15.38 6.97 32.33
C GLY A 253 -16.05 8.26 32.77
N LEU A 254 -15.71 8.75 33.97
CA LEU A 254 -16.29 9.98 34.53
C LEU A 254 -15.66 11.20 33.90
N PRO A 255 -16.48 12.14 33.40
CA PRO A 255 -15.82 13.33 32.84
C PRO A 255 -14.83 14.00 33.80
N ASP A 256 -15.14 14.03 35.08
CA ASP A 256 -14.33 14.76 36.04
C ASP A 256 -13.02 14.08 36.45
N ASP A 257 -12.86 12.79 36.16
CA ASP A 257 -11.56 12.11 36.34
C ASP A 257 -10.73 12.23 35.04
N ALA A 258 -11.21 13.04 34.09
CA ALA A 258 -10.67 12.99 32.74
C ALA A 258 -9.55 14.02 32.45
N PRO A 259 -8.57 13.64 31.60
CA PRO A 259 -7.61 14.65 31.12
C PRO A 259 -8.27 15.72 30.24
N LEU A 260 -7.80 16.96 30.35
CA LEU A 260 -8.37 18.06 29.59
C LEU A 260 -7.61 18.23 28.25
N TYR A 261 -8.26 18.86 27.29
CA TYR A 261 -7.77 18.95 25.91
C TYR A 261 -6.85 20.16 25.72
N GLN A 262 -5.54 19.91 25.63
CA GLN A 262 -4.57 20.93 25.19
C GLN A 262 -4.45 20.85 23.62
N GLU A 263 -4.83 21.93 22.94
CA GLU A 263 -4.58 22.08 21.51
C GLU A 263 -3.18 21.59 21.11
N GLY A 264 -3.13 20.77 20.06
CA GLY A 264 -1.87 20.25 19.51
C GLY A 264 -1.03 19.43 20.49
N SER A 265 -1.74 18.81 21.46
CA SER A 265 -1.13 17.97 22.50
C SER A 265 -1.32 16.48 22.23
N ALA A 266 -0.30 15.71 22.61
CA ALA A 266 -0.24 14.26 22.35
C ALA A 266 -1.08 13.44 23.35
N ILE A 267 -2.15 12.85 22.79
CA ILE A 267 -3.05 11.98 23.48
C ILE A 267 -2.56 10.56 23.26
N GLY A 268 -2.41 9.80 24.33
CA GLY A 268 -1.88 8.46 24.22
C GLY A 268 -2.66 7.45 25.02
N PHE A 269 -2.87 6.31 24.39
CA PHE A 269 -3.49 5.17 25.02
C PHE A 269 -3.10 3.86 24.34
N ASN A 270 -3.17 2.79 25.13
CA ASN A 270 -2.81 1.44 24.72
C ASN A 270 -1.79 1.42 23.58
N GLY A 271 -0.60 1.89 23.88
CA GLY A 271 0.48 1.88 22.91
C GLY A 271 0.46 2.85 21.75
N MSE A 272 -0.54 3.72 21.66
CA MSE A 272 -0.67 4.60 20.48
C MSE A 272 -0.61 6.05 20.90
O MSE A 272 -1.01 6.37 22.01
CB MSE A 272 -1.99 4.38 19.73
CG MSE A 272 -2.28 2.94 19.33
SE MSE A 272 -4.22 2.65 19.07
CE MSE A 272 -4.09 0.88 18.28
N GLU A 273 -0.09 6.92 20.02
CA GLU A 273 -0.11 8.38 20.25
C GLU A 273 -0.70 9.10 19.02
N MSE A 274 -1.38 10.22 19.24
CA MSE A 274 -1.93 11.07 18.18
C MSE A 274 -2.11 12.48 18.67
O MSE A 274 -1.99 12.74 19.87
CB MSE A 274 -3.24 10.51 17.61
CG MSE A 274 -4.51 10.51 18.47
SE MSE A 274 -5.47 8.77 18.30
CE MSE A 274 -4.31 7.80 19.55
N VAL A 275 -2.34 13.44 17.78
CA VAL A 275 -2.39 14.84 18.19
C VAL A 275 -3.58 15.54 17.59
N VAL A 276 -4.35 16.21 18.45
CA VAL A 276 -5.60 16.88 18.07
C VAL A 276 -5.44 18.40 17.90
N SER A 277 -5.85 18.98 16.77
CA SER A 277 -5.63 20.41 16.53
C SER A 277 -6.99 21.06 16.35
N GLY A 278 -7.08 22.39 16.54
CA GLY A 278 -8.34 23.08 16.32
C GLY A 278 -9.14 23.12 17.61
N LEU A 279 -10.36 23.64 17.56
CA LEU A 279 -11.19 23.76 18.76
C LEU A 279 -12.50 23.01 18.55
N PRO A 280 -12.59 21.80 19.08
CA PRO A 280 -13.84 21.08 18.99
C PRO A 280 -14.91 21.66 19.91
N LYS A 281 -16.15 21.22 19.69
CA LYS A 281 -17.29 21.46 20.60
C LYS A 281 -17.60 20.14 21.30
N ALA A 282 -18.30 20.17 22.44
CA ALA A 282 -18.69 18.92 23.11
C ALA A 282 -19.52 18.07 22.15
N GLY A 283 -19.34 16.74 22.25
CA GLY A 283 -20.10 15.80 21.44
C GLY A 283 -19.46 15.40 20.12
N ASP A 284 -18.57 16.26 19.63
CA ASP A 284 -17.75 15.90 18.47
C ASP A 284 -17.06 14.59 18.80
N SER A 285 -16.85 13.77 17.78
CA SER A 285 -16.23 12.47 18.00
C SER A 285 -15.43 12.02 16.79
N PHE A 286 -14.42 11.20 17.08
CA PHE A 286 -13.67 10.48 16.07
C PHE A 286 -13.62 8.98 16.40
N SER A 287 -13.50 8.17 15.37
CA SER A 287 -13.42 6.72 15.54
C SER A 287 -12.01 6.23 15.20
N ILE A 288 -11.53 5.25 15.94
CA ILE A 288 -10.14 4.77 15.73
C ILE A 288 -10.04 3.23 15.75
N SER A 289 -9.52 2.67 14.68
CA SER A 289 -9.82 1.29 14.36
C SER A 289 -8.63 0.60 13.74
N PRO A 290 -8.48 -0.70 13.98
CA PRO A 290 -7.36 -1.42 13.36
C PRO A 290 -7.25 -1.18 11.86
N ALA A 291 -6.05 -1.29 11.34
CA ALA A 291 -5.87 -1.09 9.93
C ALA A 291 -6.51 -2.19 9.16
N LYS A 292 -6.90 -1.85 7.95
CA LYS A 292 -7.74 -2.67 7.14
C LYS A 292 -7.12 -2.71 5.76
N ASN A 293 -7.03 -3.88 5.13
CA ASN A 293 -6.51 -3.89 3.77
C ASN A 293 -7.40 -3.03 2.86
N GLU A 294 -6.77 -2.26 1.98
CA GLU A 294 -7.52 -1.37 1.11
C GLU A 294 -6.64 -0.98 -0.10
N SER A 295 -7.18 -1.21 -1.30
CA SER A 295 -6.45 -0.96 -2.59
C SER A 295 -5.97 0.45 -2.76
N ILE A 296 -4.90 0.62 -3.51
CA ILE A 296 -4.47 1.97 -3.82
C ILE A 296 -5.64 2.65 -4.46
N PHE A 297 -6.36 1.90 -5.27
CA PHE A 297 -7.46 2.45 -6.02
C PHE A 297 -8.47 3.17 -5.16
N SER A 298 -9.03 2.51 -4.14
CA SER A 298 -9.96 3.25 -3.28
C SER A 298 -9.24 4.42 -2.56
N THR A 299 -7.96 4.30 -2.22
CA THR A 299 -7.21 5.45 -1.66
C THR A 299 -7.33 6.69 -2.56
N VAL A 300 -7.14 6.49 -3.85
CA VAL A 300 -7.27 7.58 -4.79
C VAL A 300 -8.73 8.03 -5.01
N GLN A 301 -9.66 7.08 -5.00
N GLN A 301 -9.69 7.11 -5.02
CA GLN A 301 -11.10 7.37 -5.06
CA GLN A 301 -11.10 7.51 -5.12
C GLN A 301 -11.46 8.29 -3.93
C GLN A 301 -11.47 8.34 -3.92
N ARG A 302 -10.82 8.05 -2.80
CA ARG A 302 -11.02 8.82 -1.58
C ARG A 302 -10.38 10.20 -1.63
N MSE A 303 -9.24 10.33 -2.30
CA MSE A 303 -8.60 11.65 -2.38
C MSE A 303 -9.48 12.54 -3.21
O MSE A 303 -9.57 13.74 -2.93
CB MSE A 303 -7.22 11.62 -2.99
CG MSE A 303 -6.09 11.13 -2.08
SE MSE A 303 -4.59 10.81 -3.32
CE MSE A 303 -4.37 12.57 -4.10
N ILE A 304 -10.12 11.94 -4.22
CA ILE A 304 -11.11 12.63 -5.09
C ILE A 304 -12.40 13.04 -4.31
N ASN A 305 -13.03 12.11 -3.61
CA ASN A 305 -14.17 12.48 -2.81
C ASN A 305 -13.82 13.67 -1.93
N ASN A 306 -12.61 13.70 -1.37
CA ASN A 306 -12.22 14.73 -0.41
C ASN A 306 -11.93 16.09 -1.06
N LEU A 307 -11.26 16.07 -2.19
CA LEU A 307 -11.02 17.30 -2.91
C LEU A 307 -12.31 17.99 -3.33
N ASN A 308 -13.40 17.22 -3.40
CA ASN A 308 -14.73 17.71 -3.79
C ASN A 308 -15.63 18.13 -2.62
N LYS A 309 -15.19 17.94 -1.39
CA LYS A 309 -16.02 18.34 -0.25
C LYS A 309 -16.12 19.85 -0.23
N PRO A 310 -17.15 20.40 0.41
CA PRO A 310 -17.14 21.83 0.70
C PRO A 310 -15.87 22.24 1.43
N TYR A 311 -15.19 23.26 0.92
CA TYR A 311 -13.95 23.80 1.50
C TYR A 311 -13.98 25.34 1.36
N THR A 312 -14.92 25.98 2.07
CA THR A 312 -15.00 27.46 2.14
C THR A 312 -14.97 27.98 3.60
N SER A 313 -15.81 27.42 4.46
CA SER A 313 -15.84 27.82 5.86
C SER A 313 -14.88 26.98 6.71
N SER A 314 -14.17 27.62 7.65
CA SER A 314 -13.31 26.97 8.66
C SER A 314 -13.80 25.64 9.22
N VAL A 315 -15.12 25.48 9.28
CA VAL A 315 -15.71 24.26 9.85
C VAL A 315 -15.70 23.12 8.83
N GLU A 316 -15.98 23.45 7.56
CA GLU A 316 -15.85 22.50 6.47
C GLU A 316 -14.37 22.09 6.27
N LYS A 317 -13.44 23.06 6.41
CA LYS A 317 -12.00 22.81 6.23
C LYS A 317 -11.32 21.94 7.29
N ALA A 318 -11.98 21.68 8.40
CA ALA A 318 -11.36 20.86 9.42
C ALA A 318 -11.83 19.42 9.28
N ALA A 319 -12.96 19.24 8.61
CA ALA A 319 -13.48 17.88 8.36
C ALA A 319 -12.73 17.27 7.20
N THR A 320 -11.98 18.11 6.51
CA THR A 320 -11.03 17.71 5.47
C THR A 320 -9.73 17.18 6.04
N GLN A 321 -9.20 17.87 7.07
CA GLN A 321 -7.82 17.63 7.49
C GLN A 321 -7.67 16.25 8.09
N THR A 322 -8.56 15.87 8.98
CA THR A 322 -8.43 14.57 9.60
C THR A 322 -8.19 13.45 8.59
N GLU A 323 -8.97 13.51 7.52
CA GLU A 323 -8.91 12.57 6.42
C GLU A 323 -7.74 12.89 5.49
N ASN A 324 -7.35 14.15 5.29
CA ASN A 324 -6.16 14.45 4.50
C ASN A 324 -4.95 13.71 5.09
N ASN A 325 -4.70 13.89 6.39
CA ASN A 325 -3.61 13.23 7.09
C ASN A 325 -3.57 11.73 6.87
N GLN A 326 -4.77 11.15 6.82
CA GLN A 326 -4.87 9.70 6.63
C GLN A 326 -4.45 9.36 5.22
N LEU A 327 -4.98 10.11 4.26
CA LEU A 327 -4.74 9.82 2.86
C LEU A 327 -3.28 10.04 2.51
N LEU A 328 -2.59 10.89 3.25
CA LEU A 328 -1.19 11.05 2.98
C LEU A 328 -0.50 9.78 3.43
N ALA A 329 -0.89 9.24 4.56
CA ALA A 329 -0.23 8.04 5.05
C ALA A 329 -0.42 6.89 4.08
N GLN A 330 -1.58 6.85 3.45
CA GLN A 330 -1.90 5.72 2.58
C GLN A 330 -1.18 5.74 1.26
N ILE A 331 -1.17 6.92 0.64
CA ILE A 331 -0.29 7.20 -0.46
C ILE A 331 1.15 6.80 -0.14
N ASP A 332 1.64 7.10 1.06
CA ASP A 332 3.00 6.74 1.42
C ASP A 332 3.14 5.26 1.61
N SER A 333 2.24 4.66 2.41
CA SER A 333 2.26 3.21 2.65
C SER A 333 2.40 2.46 1.32
N ALA A 334 1.80 3.02 0.28
CA ALA A 334 1.75 2.43 -1.02
C ALA A 334 2.98 2.76 -1.83
N LEU A 335 3.47 3.98 -1.71
CA LEU A 335 4.75 4.25 -2.27
C LEU A 335 5.70 3.22 -1.70
N GLY A 336 5.72 3.07 -0.39
CA GLY A 336 6.68 2.17 0.24
C GLY A 336 6.48 0.71 -0.19
N HIS A 337 5.23 0.31 -0.26
CA HIS A 337 4.92 -1.07 -0.53
C HIS A 337 5.43 -1.46 -1.90
N ILE A 338 5.30 -0.56 -2.85
CA ILE A 338 5.75 -0.84 -4.21
C ILE A 338 7.27 -0.88 -4.28
N LEU A 339 7.93 0.10 -3.70
CA LEU A 339 9.37 0.01 -3.56
C LEU A 339 9.83 -1.35 -3.01
N SER A 340 9.05 -2.00 -2.14
CA SER A 340 9.49 -3.29 -1.59
C SER A 340 9.31 -4.35 -2.64
N VAL A 341 8.26 -4.23 -3.43
CA VAL A 341 8.10 -5.11 -4.59
C VAL A 341 9.25 -4.87 -5.55
N GLN A 342 9.64 -3.63 -5.77
CA GLN A 342 10.82 -3.35 -6.62
C GLN A 342 12.09 -3.94 -6.03
N SER A 343 12.30 -3.75 -4.74
CA SER A 343 13.51 -4.31 -4.12
C SER A 343 13.51 -5.83 -4.31
N ASP A 344 12.36 -6.48 -4.14
CA ASP A 344 12.23 -7.93 -4.31
C ASP A 344 12.66 -8.37 -5.72
N LEU A 345 12.24 -7.57 -6.70
CA LEU A 345 12.44 -7.81 -8.10
C LEU A 345 13.94 -7.64 -8.41
N GLY A 346 14.57 -6.57 -7.92
CA GLY A 346 16.02 -6.42 -7.98
C GLY A 346 16.81 -7.61 -7.48
N ALA A 347 16.44 -8.12 -6.32
CA ALA A 347 17.11 -9.29 -5.74
C ALA A 347 17.09 -10.46 -6.72
N ARG A 348 15.96 -10.65 -7.38
CA ARG A 348 15.79 -11.72 -8.34
C ARG A 348 16.64 -11.52 -9.58
N LEU A 349 16.69 -10.32 -10.08
CA LEU A 349 17.60 -10.05 -11.16
C LEU A 349 19.03 -10.36 -10.73
N ASN A 350 19.40 -10.09 -9.48
CA ASN A 350 20.78 -10.38 -9.06
C ASN A 350 20.96 -11.90 -8.95
N GLN A 351 19.89 -12.63 -8.64
CA GLN A 351 19.90 -14.11 -8.68
C GLN A 351 20.12 -14.63 -10.12
N LEU A 352 19.59 -13.89 -11.10
CA LEU A 352 19.69 -14.25 -12.51
C LEU A 352 21.04 -13.95 -13.09
N GLU A 353 21.55 -12.74 -12.92
CA GLU A 353 22.91 -12.45 -13.38
C GLU A 353 23.90 -13.42 -12.68
N THR A 354 23.56 -13.90 -11.49
CA THR A 354 24.28 -15.03 -10.90
C THR A 354 24.20 -16.31 -11.75
N ALA A 355 22.99 -16.66 -12.18
CA ALA A 355 22.77 -17.87 -12.93
C ALA A 355 23.42 -17.86 -14.35
N GLU A 356 23.53 -16.70 -14.99
CA GLU A 356 24.15 -16.59 -16.33
C GLU A 356 25.65 -16.97 -16.29
N LYS A 357 26.34 -16.64 -15.19
CA LYS A 357 27.77 -17.01 -15.00
C LYS A 357 27.90 -18.49 -14.62
N ALA A 358 26.91 -19.00 -13.88
CA ALA A 358 26.96 -20.37 -13.36
C ALA A 358 26.54 -21.42 -14.40
N ASN A 359 25.75 -21.01 -15.39
CA ASN A 359 25.39 -21.90 -16.50
C ASN A 359 26.47 -21.88 -17.59
N ASN A 360 27.23 -20.81 -17.73
CA ASN A 360 28.36 -20.85 -18.64
C ASN A 360 29.54 -21.59 -17.95
N ASP A 361 29.52 -21.73 -16.62
CA ASP A 361 30.55 -22.53 -15.87
C ASP A 361 30.29 -24.05 -16.01
N TYR A 362 29.00 -24.41 -15.96
CA TYR A 362 28.49 -25.80 -16.01
C TYR A 362 28.45 -26.35 -17.45
N LEU A 363 28.62 -25.48 -18.44
CA LEU A 363 28.78 -25.87 -19.85
C LEU A 363 30.26 -25.93 -20.22
N ASP A 364 31.01 -24.89 -19.85
CA ASP A 364 32.45 -24.90 -20.04
C ASP A 364 32.96 -26.23 -19.42
N ILE A 365 32.34 -26.70 -18.33
CA ILE A 365 32.70 -28.02 -17.72
C ILE A 365 32.21 -29.24 -18.52
N SER A 366 31.00 -29.18 -19.07
CA SER A 366 30.50 -30.28 -19.90
C SER A 366 31.26 -30.37 -21.22
N ALA A 367 31.71 -29.24 -21.75
CA ALA A 367 32.50 -29.28 -22.97
C ALA A 367 33.80 -30.03 -22.74
N ALA A 368 34.39 -29.84 -21.56
CA ALA A 368 35.67 -30.45 -21.25
C ALA A 368 35.53 -31.95 -20.93
N THR A 369 34.40 -32.33 -20.32
CA THR A 369 34.05 -33.74 -20.16
C THR A 369 33.90 -34.42 -21.55
N LEU A 370 33.38 -33.70 -22.56
CA LEU A 370 33.35 -34.25 -23.92
C LEU A 370 34.75 -34.36 -24.54
N LYS A 371 35.55 -33.29 -24.50
CA LYS A 371 36.94 -33.31 -24.99
C LYS A 371 37.74 -34.47 -24.36
N LYS A 372 37.69 -34.58 -23.02
CA LYS A 372 38.39 -35.63 -22.24
C LYS A 372 37.77 -37.05 -22.34
N LEU A 373 36.56 -37.12 -22.87
CA LEU A 373 35.87 -38.40 -23.07
C LEU A 373 36.01 -38.87 -24.51
N ARG A 374 36.10 -37.93 -25.44
CA ARG A 374 36.34 -38.27 -26.82
C ARG A 374 37.82 -38.61 -27.03
N GLU A 375 38.68 -38.27 -26.07
CA GLU A 375 40.09 -38.69 -26.14
C GLU A 375 40.29 -40.17 -25.78
N ILE A 376 39.43 -40.74 -24.92
CA ILE A 376 39.45 -42.20 -24.68
C ILE A 376 39.43 -42.97 -26.04
N ASP A 377 38.75 -42.38 -27.03
CA ASP A 377 38.62 -42.97 -28.38
C ASP A 377 39.94 -42.96 -29.17
CD CD B . 32.63 -41.79 -27.63
#